data_3DD4
#
_entry.id   3DD4
#
_cell.length_a   96.300
_cell.length_b   96.300
_cell.length_c   71.100
_cell.angle_alpha   90.00
_cell.angle_beta   90.00
_cell.angle_gamma   90.00
#
_symmetry.space_group_name_H-M   'I 41'
#
loop_
_entity.id
_entity.type
_entity.pdbx_description
1 polymer 'Kv channel-interacting protein 4'
2 non-polymer 'CALCIUM ION'
3 water water
#
_entity_poly.entity_id   1
_entity_poly.type   'polypeptide(L)'
_entity_poly.pdbx_seq_one_letter_code
;MNLEGLEMIAVLIVIVLFVKLLEQFGLIEAGLEDSVEDELEMATVRHRPEALELLEAQSKFTKKELQILYRGFKNECPSG
VVNEETFKEIYSQFFPQGDSTTYAHFLFNAFDTDHNGAVSFEDFIKGLSILLRGTVQEKLNWAFNLYDINKDGYITKEEM
LDIMKAIYDMMGKCTYPVLKEDAPRQHVETFFQKMDKNKDGVVTIDEFIESCQKDENIMRSMQLFENVI
;
_entity_poly.pdbx_strand_id   A
#
# COMPACT_ATOMS: atom_id res chain seq x y z
N MET A 1 5.92 23.92 -14.96
CA MET A 1 6.86 24.75 -14.16
C MET A 1 6.95 24.30 -12.69
N ASN A 2 6.44 25.13 -11.79
CA ASN A 2 6.45 24.83 -10.36
C ASN A 2 5.55 23.64 -10.05
N LEU A 3 4.32 23.69 -10.56
CA LEU A 3 3.34 22.65 -10.31
C LEU A 3 3.95 21.25 -10.36
N GLU A 4 4.84 21.00 -11.32
CA GLU A 4 5.49 19.69 -11.41
C GLU A 4 6.04 19.29 -10.05
N GLY A 5 7.01 20.06 -9.56
CA GLY A 5 7.62 19.78 -8.28
C GLY A 5 6.65 19.80 -7.11
N LEU A 6 5.43 20.30 -7.35
CA LEU A 6 4.42 20.39 -6.31
C LEU A 6 3.45 19.20 -6.39
N GLU A 7 3.11 18.81 -7.61
CA GLU A 7 2.23 17.66 -7.81
C GLU A 7 3.00 16.50 -7.24
N MET A 8 4.33 16.60 -7.33
CA MET A 8 5.22 15.58 -6.82
C MET A 8 5.02 15.36 -5.33
N ILE A 9 5.18 16.44 -4.57
CA ILE A 9 5.02 16.38 -3.13
C ILE A 9 3.66 15.75 -2.78
N ALA A 10 2.62 16.14 -3.50
CA ALA A 10 1.29 15.59 -3.24
C ALA A 10 1.36 14.13 -3.55
N VAL A 11 2.10 13.78 -4.59
CA VAL A 11 2.24 12.41 -5.00
C VAL A 11 3.00 11.58 -3.97
N LEU A 12 4.08 12.14 -3.43
CA LEU A 12 4.87 11.44 -2.42
C LEU A 12 4.02 11.13 -1.18
N ILE A 13 3.12 12.05 -0.80
CA ILE A 13 2.24 11.84 0.34
C ILE A 13 1.47 10.56 0.05
N VAL A 14 0.69 10.59 -1.02
CA VAL A 14 -0.11 9.47 -1.48
C VAL A 14 0.58 8.09 -1.30
N ILE A 15 1.90 8.05 -1.46
CA ILE A 15 2.64 6.81 -1.26
C ILE A 15 2.73 6.55 0.24
N VAL A 16 3.25 7.52 0.98
CA VAL A 16 3.38 7.37 2.43
C VAL A 16 2.08 6.89 3.03
N LEU A 17 0.96 7.49 2.64
CA LEU A 17 -0.34 7.05 3.14
C LEU A 17 -0.60 5.62 2.65
N PHE A 18 -0.25 5.34 1.40
CA PHE A 18 -0.46 4.01 0.82
C PHE A 18 0.25 2.91 1.57
N VAL A 19 1.41 3.23 2.14
CA VAL A 19 2.15 2.24 2.91
C VAL A 19 1.45 2.13 4.26
N LYS A 20 1.27 3.27 4.95
CA LYS A 20 0.65 3.31 6.26
C LYS A 20 -0.53 2.39 6.27
N LEU A 21 -1.44 2.63 5.33
CA LEU A 21 -2.68 1.85 5.18
C LEU A 21 -2.40 0.38 4.91
N LEU A 22 -1.59 0.12 3.89
CA LEU A 22 -1.23 -1.24 3.56
C LEU A 22 -0.79 -1.95 4.85
N GLU A 23 0.07 -1.30 5.62
CA GLU A 23 0.55 -1.87 6.86
C GLU A 23 -0.60 -2.10 7.82
N GLN A 24 -1.50 -1.11 7.86
CA GLN A 24 -2.69 -1.13 8.70
C GLN A 24 -3.50 -2.35 8.37
N PHE A 25 -3.53 -2.70 7.08
CA PHE A 25 -4.26 -3.86 6.59
C PHE A 25 -3.60 -5.19 6.88
N GLY A 26 -2.35 -5.17 7.30
CA GLY A 26 -1.67 -6.43 7.57
C GLY A 26 -1.21 -7.01 6.25
N LEU A 27 -1.20 -6.18 5.22
CA LEU A 27 -0.77 -6.66 3.93
C LEU A 27 0.73 -6.41 3.88
N ILE A 28 1.26 -5.85 4.98
CA ILE A 28 2.69 -5.54 5.08
C ILE A 28 3.24 -6.01 6.44
N GLU A 33 2.46 -5.94 13.36
CA GLU A 33 2.45 -5.20 14.67
C GLU A 33 1.61 -3.92 14.54
N ASP A 34 1.65 -3.31 13.36
CA ASP A 34 0.93 -2.09 13.10
C ASP A 34 -0.44 -2.38 12.50
N SER A 35 -0.96 -3.57 12.74
CA SER A 35 -2.26 -3.92 12.18
C SER A 35 -3.41 -3.38 13.01
N VAL A 36 -4.44 -2.86 12.35
CA VAL A 36 -5.58 -2.32 13.10
C VAL A 36 -6.16 -3.39 14.00
N GLU A 37 -6.18 -4.64 13.53
CA GLU A 37 -6.70 -5.70 14.37
C GLU A 37 -5.75 -5.92 15.55
N ASP A 38 -4.44 -5.84 15.30
CA ASP A 38 -3.44 -6.03 16.34
C ASP A 38 -3.64 -4.93 17.36
N GLU A 39 -3.83 -3.73 16.83
CA GLU A 39 -4.06 -2.56 17.64
C GLU A 39 -5.32 -2.79 18.49
N LEU A 40 -6.32 -3.42 17.91
CA LEU A 40 -7.57 -3.64 18.60
C LEU A 40 -7.42 -4.62 19.71
N GLU A 41 -6.83 -5.77 19.41
CA GLU A 41 -6.64 -6.84 20.40
C GLU A 41 -5.61 -6.54 21.47
N MET A 42 -5.01 -5.35 21.41
CA MET A 42 -4.02 -4.94 22.40
C MET A 42 -4.76 -4.27 23.55
N ALA A 43 -6.02 -3.91 23.32
CA ALA A 43 -6.85 -3.26 24.33
C ALA A 43 -7.23 -4.28 25.40
N THR A 44 -8.17 -3.92 26.27
CA THR A 44 -8.54 -4.83 27.35
C THR A 44 -10.00 -5.27 27.52
N VAL A 45 -10.52 -4.96 28.71
CA VAL A 45 -11.88 -5.31 29.11
C VAL A 45 -12.89 -4.25 28.69
N ARG A 46 -13.34 -3.45 29.65
CA ARG A 46 -14.34 -2.41 29.36
C ARG A 46 -13.77 -1.34 28.44
N HIS A 47 -12.76 -1.68 27.63
CA HIS A 47 -12.18 -0.71 26.71
C HIS A 47 -12.32 -1.07 25.24
N ARG A 48 -12.35 -2.37 24.96
CA ARG A 48 -12.48 -2.85 23.58
C ARG A 48 -13.38 -1.92 22.76
N PRO A 49 -14.62 -1.67 23.21
CA PRO A 49 -15.49 -0.78 22.44
C PRO A 49 -14.95 0.65 22.34
N GLU A 50 -14.26 1.11 23.37
CA GLU A 50 -13.70 2.45 23.35
C GLU A 50 -12.54 2.52 22.36
N ALA A 51 -11.84 1.40 22.20
CA ALA A 51 -10.72 1.30 21.27
C ALA A 51 -11.25 1.28 19.84
N LEU A 52 -12.26 0.44 19.62
CA LEU A 52 -12.91 0.33 18.32
C LEU A 52 -13.30 1.74 17.84
N GLU A 53 -13.80 2.56 18.76
CA GLU A 53 -14.18 3.92 18.41
C GLU A 53 -12.97 4.76 17.95
N LEU A 54 -11.87 4.71 18.71
CA LEU A 54 -10.64 5.45 18.36
C LEU A 54 -10.12 5.03 17.01
N LEU A 55 -9.96 3.72 16.83
CA LEU A 55 -9.49 3.20 15.56
C LEU A 55 -10.35 3.76 14.43
N GLU A 56 -11.67 3.71 14.60
CA GLU A 56 -12.57 4.23 13.59
C GLU A 56 -12.35 5.72 13.31
N ALA A 57 -12.29 6.54 14.36
CA ALA A 57 -12.08 7.96 14.17
C ALA A 57 -10.85 8.14 13.31
N GLN A 58 -9.69 7.73 13.82
CA GLN A 58 -8.45 7.90 13.07
C GLN A 58 -8.41 7.30 11.66
N SER A 59 -9.19 6.25 11.41
CA SER A 59 -9.19 5.71 10.07
C SER A 59 -10.10 6.62 9.21
N LYS A 60 -10.94 7.40 9.87
CA LYS A 60 -11.82 8.32 9.16
C LYS A 60 -11.07 9.55 8.69
N PHE A 61 -10.07 9.97 9.46
CA PHE A 61 -9.25 11.12 9.08
C PHE A 61 -8.56 10.67 7.80
N THR A 62 -7.92 9.50 7.91
CA THR A 62 -7.20 8.94 6.79
C THR A 62 -8.14 8.91 5.60
N LYS A 63 -9.35 8.39 5.73
CA LYS A 63 -10.26 8.41 4.57
C LYS A 63 -10.26 9.82 3.98
N LYS A 64 -10.56 10.82 4.82
CA LYS A 64 -10.60 12.22 4.41
C LYS A 64 -9.36 12.70 3.69
N GLU A 65 -8.18 12.38 4.19
CA GLU A 65 -6.98 12.82 3.49
C GLU A 65 -7.05 12.24 2.09
N LEU A 66 -7.39 10.95 1.99
CA LEU A 66 -7.47 10.34 0.68
C LEU A 66 -8.52 11.06 -0.17
N GLN A 67 -9.66 11.38 0.43
CA GLN A 67 -10.70 12.08 -0.31
C GLN A 67 -10.16 13.40 -0.85
N ILE A 68 -9.54 14.17 0.00
CA ILE A 68 -8.98 15.44 -0.43
C ILE A 68 -7.94 15.14 -1.50
N LEU A 69 -6.91 14.37 -1.16
CA LEU A 69 -5.88 14.00 -2.14
C LEU A 69 -6.53 13.53 -3.43
N TYR A 70 -7.58 12.73 -3.30
CA TYR A 70 -8.28 12.22 -4.47
C TYR A 70 -8.88 13.33 -5.33
N ARG A 71 -9.82 14.09 -4.77
CA ARG A 71 -10.46 15.16 -5.53
C ARG A 71 -9.37 16.09 -6.06
N GLY A 72 -8.22 16.09 -5.40
CA GLY A 72 -7.13 16.93 -5.88
C GLY A 72 -6.61 16.41 -7.19
N PHE A 73 -5.77 15.38 -7.15
CA PHE A 73 -5.22 14.79 -8.34
C PHE A 73 -6.26 14.76 -9.46
N LYS A 74 -7.50 14.36 -9.12
CA LYS A 74 -8.58 14.27 -10.10
C LYS A 74 -8.84 15.58 -10.85
N ASN A 75 -9.88 16.30 -10.47
CA ASN A 75 -10.19 17.56 -11.13
C ASN A 75 -9.13 18.61 -10.79
N GLU A 76 -7.91 18.38 -11.28
CA GLU A 76 -6.81 19.30 -11.04
C GLU A 76 -5.60 18.97 -11.88
N CYS A 77 -5.56 17.74 -12.41
CA CYS A 77 -4.46 17.27 -13.27
C CYS A 77 -4.60 15.76 -13.51
N PRO A 78 -5.70 15.33 -14.15
CA PRO A 78 -5.95 13.92 -14.43
C PRO A 78 -5.33 13.38 -15.72
N SER A 79 -4.49 14.17 -16.38
CA SER A 79 -3.85 13.74 -17.62
C SER A 79 -2.89 12.59 -17.32
N GLY A 80 -1.58 12.84 -17.37
CA GLY A 80 -0.64 11.77 -17.09
C GLY A 80 0.72 12.02 -17.71
N VAL A 81 1.77 11.71 -16.95
CA VAL A 81 3.14 11.89 -17.43
C VAL A 81 4.12 11.91 -16.25
N VAL A 82 3.65 11.51 -15.08
CA VAL A 82 4.50 11.48 -13.88
C VAL A 82 5.80 10.77 -14.28
N ASN A 83 6.95 11.38 -14.01
CA ASN A 83 8.20 10.73 -14.38
C ASN A 83 8.92 10.17 -13.16
N GLU A 84 9.08 8.85 -13.16
CA GLU A 84 9.72 8.14 -12.07
C GLU A 84 11.09 8.72 -11.68
N GLU A 85 11.65 9.56 -12.54
CA GLU A 85 12.97 10.13 -12.27
C GLU A 85 12.94 11.22 -11.20
N THR A 86 12.17 12.28 -11.45
CA THR A 86 12.05 13.40 -10.52
C THR A 86 11.51 12.86 -9.20
N PHE A 87 10.58 11.91 -9.32
CA PHE A 87 9.95 11.26 -8.17
C PHE A 87 10.98 10.60 -7.25
N LYS A 88 11.89 9.83 -7.84
CA LYS A 88 12.94 9.16 -7.09
C LYS A 88 13.80 10.18 -6.36
N GLU A 89 13.94 11.36 -6.97
CA GLU A 89 14.73 12.45 -6.41
C GLU A 89 14.14 12.89 -5.06
N ILE A 90 12.84 13.09 -5.07
CA ILE A 90 12.07 13.51 -3.90
C ILE A 90 12.09 12.41 -2.85
N TYR A 91 11.77 11.19 -3.27
CA TYR A 91 11.74 10.07 -2.32
C TYR A 91 13.04 9.96 -1.52
N SER A 92 14.16 10.34 -2.12
CA SER A 92 15.44 10.24 -1.42
C SER A 92 15.72 11.38 -0.45
N GLN A 93 15.18 12.56 -0.74
CA GLN A 93 15.38 13.72 0.12
C GLN A 93 14.60 13.58 1.43
N PHE A 94 13.65 12.65 1.46
CA PHE A 94 12.85 12.42 2.67
C PHE A 94 13.06 11.03 3.26
N PHE A 95 13.15 10.04 2.38
CA PHE A 95 13.35 8.66 2.78
C PHE A 95 14.68 8.18 2.19
N PRO A 96 15.80 8.69 2.72
CA PRO A 96 17.12 8.31 2.21
C PRO A 96 17.46 6.85 2.47
N GLN A 97 18.22 6.60 3.52
CA GLN A 97 18.64 5.27 3.88
C GLN A 97 19.53 4.73 2.77
N GLY A 98 19.39 3.45 2.42
CA GLY A 98 20.23 2.89 1.37
C GLY A 98 19.46 2.49 0.12
N ASP A 99 20.14 2.48 -1.02
CA ASP A 99 19.57 2.09 -2.32
C ASP A 99 18.22 2.77 -2.58
N SER A 100 17.93 3.79 -1.79
CA SER A 100 16.68 4.54 -1.88
C SER A 100 16.09 4.77 -3.28
N THR A 101 16.95 4.86 -4.29
CA THR A 101 16.47 5.10 -5.64
C THR A 101 15.71 3.92 -6.23
N THR A 102 16.09 2.72 -5.83
CA THR A 102 15.44 1.53 -6.35
C THR A 102 14.08 1.36 -5.68
N TYR A 103 14.04 1.54 -4.36
CA TYR A 103 12.79 1.40 -3.61
C TYR A 103 11.75 2.30 -4.23
N ALA A 104 12.08 3.58 -4.30
CA ALA A 104 11.16 4.57 -4.86
C ALA A 104 10.60 4.00 -6.14
N HIS A 105 11.50 3.54 -6.99
CA HIS A 105 11.13 2.95 -8.28
C HIS A 105 10.03 1.93 -8.09
N PHE A 106 10.37 0.87 -7.37
CA PHE A 106 9.45 -0.21 -7.10
C PHE A 106 8.13 0.25 -6.48
N LEU A 107 8.25 1.17 -5.53
CA LEU A 107 7.10 1.71 -4.82
C LEU A 107 6.28 2.63 -5.74
N PHE A 108 6.97 3.21 -6.71
CA PHE A 108 6.34 4.11 -7.67
C PHE A 108 5.63 3.34 -8.78
N ASN A 109 6.35 2.37 -9.35
CA ASN A 109 5.82 1.55 -10.44
C ASN A 109 4.61 0.73 -10.01
N ALA A 110 4.39 0.64 -8.70
CA ALA A 110 3.25 -0.11 -8.18
C ALA A 110 1.89 0.41 -8.68
N PHE A 111 1.83 1.70 -8.99
CA PHE A 111 0.59 2.30 -9.47
C PHE A 111 0.35 2.01 -10.94
N ASP A 112 1.17 1.11 -11.49
CA ASP A 112 1.07 0.68 -12.88
C ASP A 112 0.32 -0.64 -12.87
N THR A 113 -1.01 -0.58 -12.84
CA THR A 113 -1.85 -1.77 -12.78
C THR A 113 -2.06 -2.48 -14.12
N ASP A 114 -1.77 -1.80 -15.21
CA ASP A 114 -1.94 -2.39 -16.54
C ASP A 114 -0.56 -2.64 -17.16
N HIS A 115 0.48 -2.34 -16.40
CA HIS A 115 1.87 -2.50 -16.83
C HIS A 115 2.14 -1.64 -18.08
N ASN A 116 1.34 -0.59 -18.24
CA ASN A 116 1.44 0.32 -19.37
C ASN A 116 2.85 0.85 -19.60
N GLY A 117 3.75 0.58 -18.66
CA GLY A 117 5.13 1.03 -18.80
C GLY A 117 5.61 1.92 -17.67
N ALA A 118 4.97 3.07 -17.50
CA ALA A 118 5.33 4.01 -16.45
C ALA A 118 4.17 4.23 -15.46
N VAL A 119 3.91 5.49 -15.11
CA VAL A 119 2.84 5.82 -14.18
C VAL A 119 2.20 7.16 -14.54
N SER A 120 0.88 7.21 -14.52
CA SER A 120 0.17 8.44 -14.87
C SER A 120 -0.69 8.94 -13.72
N PHE A 121 -1.02 10.23 -13.75
CA PHE A 121 -1.87 10.82 -12.73
C PHE A 121 -3.12 9.98 -12.61
N GLU A 122 -3.54 9.40 -13.74
CA GLU A 122 -4.72 8.56 -13.79
C GLU A 122 -4.54 7.34 -12.89
N ASP A 123 -3.34 6.76 -12.91
CA ASP A 123 -3.04 5.59 -12.10
C ASP A 123 -3.15 5.89 -10.61
N PHE A 124 -2.85 7.13 -10.23
CA PHE A 124 -2.96 7.55 -8.84
C PHE A 124 -4.45 7.77 -8.60
N ILE A 125 -5.08 8.54 -9.48
CA ILE A 125 -6.51 8.82 -9.38
C ILE A 125 -7.32 7.53 -9.27
N LYS A 126 -6.76 6.45 -9.82
CA LYS A 126 -7.44 5.16 -9.75
C LYS A 126 -7.03 4.50 -8.45
N GLY A 127 -5.73 4.35 -8.25
CA GLY A 127 -5.24 3.73 -7.04
C GLY A 127 -5.91 4.35 -5.84
N LEU A 128 -5.82 5.68 -5.77
CA LEU A 128 -6.43 6.44 -4.69
C LEU A 128 -7.87 5.98 -4.54
N SER A 129 -8.62 6.06 -5.63
CA SER A 129 -10.01 5.66 -5.64
C SER A 129 -10.28 4.24 -5.15
N ILE A 130 -9.34 3.32 -5.36
CA ILE A 130 -9.51 1.94 -4.92
C ILE A 130 -9.57 1.86 -3.41
N LEU A 131 -8.61 2.48 -2.74
CA LEU A 131 -8.57 2.48 -1.27
C LEU A 131 -9.72 3.29 -0.71
N LEU A 132 -10.05 4.37 -1.42
CA LEU A 132 -11.09 5.26 -0.99
C LEU A 132 -12.49 4.71 -1.09
N ARG A 133 -12.75 3.80 -2.02
CA ARG A 133 -14.09 3.27 -2.14
C ARG A 133 -14.22 1.90 -2.83
N GLY A 134 -13.11 1.35 -3.31
CA GLY A 134 -13.20 0.05 -3.96
C GLY A 134 -13.50 -0.99 -2.89
N THR A 135 -13.47 -2.26 -3.27
CA THR A 135 -13.73 -3.34 -2.33
C THR A 135 -12.43 -4.02 -1.93
N VAL A 136 -12.49 -4.77 -0.83
CA VAL A 136 -11.34 -5.49 -0.31
C VAL A 136 -10.63 -6.12 -1.51
N GLN A 137 -11.42 -6.80 -2.33
CA GLN A 137 -10.91 -7.44 -3.54
C GLN A 137 -9.97 -6.54 -4.32
N GLU A 138 -10.51 -5.43 -4.78
CA GLU A 138 -9.75 -4.46 -5.56
C GLU A 138 -8.56 -3.95 -4.78
N LYS A 139 -8.67 -3.93 -3.45
CA LYS A 139 -7.56 -3.47 -2.63
C LYS A 139 -6.49 -4.55 -2.64
N LEU A 140 -6.89 -5.78 -2.39
CA LEU A 140 -5.95 -6.87 -2.41
C LEU A 140 -5.28 -6.92 -3.79
N ASN A 141 -6.06 -6.72 -4.84
CA ASN A 141 -5.51 -6.73 -6.20
C ASN A 141 -4.42 -5.67 -6.35
N TRP A 142 -4.65 -4.49 -5.77
CA TRP A 142 -3.66 -3.43 -5.87
C TRP A 142 -2.43 -3.83 -5.07
N ALA A 143 -2.64 -4.28 -3.84
CA ALA A 143 -1.56 -4.72 -2.96
C ALA A 143 -0.68 -5.74 -3.63
N PHE A 144 -1.31 -6.66 -4.36
CA PHE A 144 -0.58 -7.69 -5.06
C PHE A 144 0.44 -7.11 -6.06
N ASN A 145 0.00 -6.19 -6.91
CA ASN A 145 0.89 -5.59 -7.90
C ASN A 145 2.07 -4.88 -7.23
N LEU A 146 1.91 -4.57 -5.95
CA LEU A 146 3.00 -3.93 -5.24
C LEU A 146 4.09 -4.99 -5.08
N TYR A 147 3.72 -6.18 -4.62
CA TYR A 147 4.67 -7.27 -4.47
C TYR A 147 5.15 -7.85 -5.81
N ASP A 148 4.26 -7.90 -6.79
CA ASP A 148 4.62 -8.42 -8.11
C ASP A 148 5.48 -7.41 -8.87
N ILE A 149 6.59 -6.99 -8.24
CA ILE A 149 7.56 -6.04 -8.79
C ILE A 149 7.77 -6.10 -10.31
N ASN A 150 8.46 -7.15 -10.75
CA ASN A 150 8.76 -7.36 -12.16
C ASN A 150 7.49 -7.30 -12.98
N LYS A 151 6.38 -7.61 -12.33
CA LYS A 151 5.07 -7.57 -12.98
C LYS A 151 4.76 -8.74 -13.92
N ASP A 152 5.34 -9.91 -13.65
CA ASP A 152 5.09 -11.10 -14.47
C ASP A 152 3.76 -11.76 -14.12
N GLY A 153 3.15 -11.32 -13.03
CA GLY A 153 1.89 -11.89 -12.60
C GLY A 153 2.04 -12.89 -11.46
N TYR A 154 3.26 -12.95 -10.90
CA TYR A 154 3.60 -13.87 -9.81
C TYR A 154 4.35 -13.10 -8.73
N ILE A 155 4.64 -13.78 -7.62
CA ILE A 155 5.39 -13.15 -6.53
C ILE A 155 6.46 -14.11 -6.00
N THR A 156 7.72 -13.73 -6.14
CA THR A 156 8.80 -14.57 -5.66
C THR A 156 9.25 -14.14 -4.27
N LYS A 157 9.44 -15.11 -3.39
CA LYS A 157 9.87 -14.83 -2.02
C LYS A 157 10.94 -13.76 -1.93
N GLU A 158 11.62 -13.50 -3.04
CA GLU A 158 12.66 -12.48 -3.07
C GLU A 158 12.03 -11.10 -3.38
N GLU A 159 11.07 -11.10 -4.30
CA GLU A 159 10.38 -9.86 -4.65
C GLU A 159 9.68 -9.34 -3.42
N MET A 160 9.22 -10.25 -2.58
CA MET A 160 8.52 -9.88 -1.37
C MET A 160 9.52 -9.47 -0.31
N LEU A 161 10.73 -10.02 -0.40
CA LEU A 161 11.78 -9.72 0.56
C LEU A 161 12.46 -8.42 0.21
N ASP A 162 12.31 -7.99 -1.04
CA ASP A 162 12.89 -6.73 -1.49
C ASP A 162 11.99 -5.63 -0.93
N ILE A 163 10.69 -5.74 -1.19
CA ILE A 163 9.72 -4.77 -0.72
C ILE A 163 9.94 -4.61 0.76
N MET A 164 9.93 -5.73 1.48
CA MET A 164 10.13 -5.70 2.92
C MET A 164 11.28 -4.76 3.31
N LYS A 165 12.41 -4.87 2.62
CA LYS A 165 13.54 -4.00 2.91
C LYS A 165 13.18 -2.58 2.50
N ALA A 166 12.62 -2.45 1.30
CA ALA A 166 12.21 -1.16 0.77
C ALA A 166 11.42 -0.35 1.79
N ILE A 167 10.82 -1.05 2.75
CA ILE A 167 10.00 -0.43 3.79
C ILE A 167 10.76 -0.16 5.08
N TYR A 168 11.46 -1.18 5.60
CA TYR A 168 12.21 -0.98 6.84
C TYR A 168 13.10 0.22 6.69
N ASP A 169 13.59 0.43 5.49
CA ASP A 169 14.45 1.57 5.23
C ASP A 169 13.62 2.84 5.20
N MET A 170 12.51 2.81 4.47
CA MET A 170 11.65 3.98 4.38
C MET A 170 11.35 4.51 5.78
N MET A 171 10.79 3.66 6.63
CA MET A 171 10.49 4.02 8.02
C MET A 171 11.81 4.24 8.75
N GLY A 172 12.11 3.38 9.71
CA GLY A 172 13.35 3.51 10.44
C GLY A 172 13.92 2.19 10.94
N PRO A 184 13.11 -8.02 9.74
CA PRO A 184 14.23 -7.41 8.97
C PRO A 184 14.49 -8.11 7.63
N ARG A 185 14.20 -9.40 7.58
CA ARG A 185 14.40 -10.20 6.38
C ARG A 185 13.76 -11.58 6.52
N GLN A 186 13.86 -12.15 7.72
CA GLN A 186 13.30 -13.47 7.99
C GLN A 186 11.78 -13.52 8.03
N HIS A 187 11.13 -12.39 8.29
CA HIS A 187 9.67 -12.34 8.34
C HIS A 187 9.07 -12.66 6.99
N VAL A 188 9.78 -12.28 5.92
CA VAL A 188 9.32 -12.53 4.57
C VAL A 188 8.96 -14.00 4.38
N GLU A 189 9.84 -14.90 4.83
CA GLU A 189 9.59 -16.33 4.71
C GLU A 189 8.23 -16.73 5.26
N THR A 190 8.02 -16.49 6.55
CA THR A 190 6.76 -16.84 7.18
C THR A 190 5.53 -16.20 6.54
N PHE A 191 5.69 -14.98 6.02
CA PHE A 191 4.57 -14.30 5.38
C PHE A 191 4.32 -14.90 4.00
N PHE A 192 5.40 -15.15 3.28
CA PHE A 192 5.32 -15.74 1.95
C PHE A 192 4.73 -17.14 2.05
N GLN A 193 5.08 -17.85 3.12
CA GLN A 193 4.58 -19.21 3.30
C GLN A 193 3.07 -19.22 3.48
N LYS A 194 2.52 -18.10 3.95
CA LYS A 194 1.08 -17.98 4.14
C LYS A 194 0.42 -17.88 2.77
N MET A 195 1.02 -17.09 1.90
CA MET A 195 0.52 -16.89 0.55
C MET A 195 0.81 -18.08 -0.36
N ASP A 196 2.05 -18.57 -0.34
CA ASP A 196 2.43 -19.71 -1.19
C ASP A 196 1.82 -21.01 -0.70
N LYS A 197 0.61 -21.29 -1.19
CA LYS A 197 -0.14 -22.49 -0.82
C LYS A 197 0.49 -23.75 -1.40
N ASN A 198 0.42 -23.88 -2.72
CA ASN A 198 0.97 -25.03 -3.45
C ASN A 198 2.48 -25.18 -3.23
N LYS A 199 3.02 -24.41 -2.29
CA LYS A 199 4.42 -24.43 -1.91
C LYS A 199 5.39 -24.72 -3.05
N ASP A 200 5.54 -23.77 -3.96
CA ASP A 200 6.44 -23.95 -5.10
C ASP A 200 7.42 -22.81 -5.29
N GLY A 201 7.19 -21.68 -4.64
CA GLY A 201 8.10 -20.56 -4.79
C GLY A 201 7.50 -19.35 -5.47
N VAL A 202 6.27 -19.50 -5.95
CA VAL A 202 5.56 -18.40 -6.60
C VAL A 202 4.11 -18.32 -6.12
N VAL A 203 3.59 -17.10 -6.03
CA VAL A 203 2.22 -16.85 -5.58
C VAL A 203 1.42 -16.14 -6.68
N THR A 204 0.26 -16.67 -7.05
CA THR A 204 -0.59 -16.05 -8.06
C THR A 204 -1.65 -15.19 -7.38
N ILE A 205 -2.22 -14.26 -8.13
CA ILE A 205 -3.23 -13.38 -7.55
C ILE A 205 -4.27 -14.19 -6.78
N ASP A 206 -4.87 -15.17 -7.44
CA ASP A 206 -5.87 -16.00 -6.79
C ASP A 206 -5.31 -16.52 -5.46
N GLU A 207 -4.12 -17.10 -5.49
CA GLU A 207 -3.50 -17.60 -4.28
C GLU A 207 -3.40 -16.52 -3.22
N PHE A 208 -3.02 -15.32 -3.65
CA PHE A 208 -2.89 -14.17 -2.77
C PHE A 208 -4.18 -13.88 -2.03
N ILE A 209 -5.22 -13.51 -2.79
CA ILE A 209 -6.50 -13.16 -2.17
C ILE A 209 -7.18 -14.26 -1.40
N GLU A 210 -6.79 -15.52 -1.63
CA GLU A 210 -7.41 -16.61 -0.89
C GLU A 210 -6.83 -16.71 0.50
N SER A 211 -5.52 -16.49 0.61
CA SER A 211 -4.84 -16.54 1.90
C SER A 211 -5.27 -15.37 2.76
N CYS A 212 -5.28 -14.18 2.19
CA CYS A 212 -5.69 -12.98 2.93
C CYS A 212 -7.15 -13.05 3.36
N GLN A 213 -8.00 -13.55 2.47
CA GLN A 213 -9.44 -13.65 2.75
C GLN A 213 -9.72 -14.68 3.83
N LYS A 214 -8.88 -15.68 3.93
CA LYS A 214 -9.08 -16.70 4.94
C LYS A 214 -8.24 -16.36 6.18
N ASP A 215 -7.59 -15.20 6.16
CA ASP A 215 -6.79 -14.74 7.30
C ASP A 215 -7.64 -13.79 8.10
N GLU A 216 -8.10 -14.25 9.25
CA GLU A 216 -8.95 -13.45 10.12
C GLU A 216 -8.42 -12.03 10.39
N ASN A 217 -7.11 -11.90 10.62
CA ASN A 217 -6.51 -10.59 10.92
C ASN A 217 -6.49 -9.58 9.77
N ILE A 218 -6.05 -9.99 8.59
CA ILE A 218 -6.04 -9.08 7.46
C ILE A 218 -7.49 -8.72 7.13
N MET A 219 -8.40 -9.68 7.31
CA MET A 219 -9.81 -9.45 7.03
C MET A 219 -10.42 -8.43 7.98
N ARG A 220 -10.52 -8.80 9.26
CA ARG A 220 -11.10 -7.90 10.24
C ARG A 220 -10.54 -6.49 10.13
N SER A 221 -9.27 -6.40 9.75
CA SER A 221 -8.63 -5.10 9.61
C SER A 221 -9.18 -4.35 8.41
N MET A 222 -9.08 -4.95 7.24
CA MET A 222 -9.59 -4.32 6.03
C MET A 222 -11.10 -4.05 6.11
N GLN A 223 -11.79 -4.89 6.90
CA GLN A 223 -13.22 -4.74 7.09
C GLN A 223 -13.50 -3.42 7.80
N LEU A 224 -12.85 -3.21 8.94
CA LEU A 224 -13.04 -1.99 9.72
C LEU A 224 -12.75 -0.72 8.91
N PHE A 225 -11.73 -0.77 8.07
CA PHE A 225 -11.38 0.42 7.31
C PHE A 225 -12.35 0.82 6.22
N GLU A 226 -12.97 -0.11 5.49
CA GLU A 226 -13.90 0.34 4.47
C GLU A 226 -15.35 0.17 4.88
N ASN A 227 -15.72 0.90 5.92
CA ASN A 227 -17.05 0.92 6.49
C ASN A 227 -17.18 2.31 7.09
N VAL A 228 -16.02 2.94 7.27
CA VAL A 228 -15.91 4.24 7.88
C VAL A 228 -16.51 5.45 7.17
N ILE A 229 -16.54 5.44 5.84
CA ILE A 229 -17.11 6.59 5.08
C ILE A 229 -18.15 7.40 5.87
#